data_8C57
#
_entry.id   8C57
#
_cell.length_a   84.453
_cell.length_b   84.453
_cell.length_c   172.565
_cell.angle_alpha   90.00
_cell.angle_beta   90.00
_cell.angle_gamma   90.00
#
_symmetry.space_group_name_H-M   'P 41 21 2'
#
loop_
_entity.id
_entity.type
_entity.pdbx_description
1 polymer 'Cytosine-specific methyltransferase'
2 polymer "DNA (5'-D(*CP*CP*AP*CP*AP*TP*GP*(5MA)P*GP*CP*TP*GP*AP*A)-3')"
3 polymer "DNA (5'-D(*GP*TP*TP*CP*AP*GP*(5CM)P*GP*CP*AP*TP*GP*TP*G)-3')"
4 non-polymer S-ADENOSYLMETHIONINE
5 non-polymer 'CARBONATE ION'
6 non-polymer GLYCEROL
7 water water
#
loop_
_entity_poly.entity_id
_entity_poly.type
_entity_poly.pdbx_seq_one_letter_code
_entity_poly.pdbx_strand_id
1 'polypeptide(L)'
;MNSNKDKIKVIKVFEAFAGIGSQFKALKNIARSKNWEIQHSGMVEWFVDAIVSYVAIHSKNFNPKIERLDRDILSISNDS
KMPISEYGIKKINNTIKASYLNYAKKHFNNLFDIKKVNKDNFPKNIDIFTYSFPCQDLSVQGLQKGIDKELNTRSGLLWE
IERILEEIKNSFSKEEMPKYLLMENVKNLLSHKNKKNYNTWLKQLEKFGYKSKTYLLNSKNFDNCQNRERVFCLSIRDDY
LEKTGFKFKELEKVKNPPKKIKDILVDSSNYKYLNLNKYETTTFRETKSNIISRPLKNYTTFNSENYVYNINGIGPTLTA
SGANSRIKIETQQGVRYLTPLECFKYMQFDVNDFKKVQSTNLISENKMIYIAGNSIPVKILEAIFNTLEFVNNEE
;
A
2 'polydeoxyribonucleotide' (DC)(DC)(DA)(DC)(DA)(DT)(DG)(TJU)(DG)(DC)(DT)(DG)(DA)(DA) B
3 'polydeoxyribonucleotide' (DG)(DT)(DT)(DC)(DA)(DG)(5CM)(DG)(DC)(DA)(DT)(DG)(DT)(DG) C
#
loop_
_chem_comp.id
_chem_comp.type
_chem_comp.name
_chem_comp.formula
5CM DNA linking 5-METHYL-2'-DEOXY-CYTIDINE-5'-MONOPHOSPHATE 'C10 H16 N3 O7 P'
CO3 non-polymer 'CARBONATE ION' 'C O3 -2'
DA DNA linking 2'-DEOXYADENOSINE-5'-MONOPHOSPHATE 'C10 H14 N5 O6 P'
DC DNA linking 2'-DEOXYCYTIDINE-5'-MONOPHOSPHATE 'C9 H14 N3 O7 P'
DG DNA linking 2'-DEOXYGUANOSINE-5'-MONOPHOSPHATE 'C10 H14 N5 O7 P'
DT DNA linking THYMIDINE-5'-MONOPHOSPHATE 'C10 H15 N2 O8 P'
GOL non-polymer GLYCEROL 'C3 H8 O3'
SAM non-polymer S-ADENOSYLMETHIONINE 'C15 H22 N6 O5 S'
TJU non-polymer '[(2~{R},3~{S},5~{R})-5-(4-azanyl-3-methyl-6-oxidanylidene-2~{H}-1,3,5-triazin-1-yl)-3-oxidanyl-oxolan-2-yl]methyl dihydrogen phosphite' 'C9 H17 N4 O7 P'
#
# COMPACT_ATOMS: atom_id res chain seq x y z
N LYS A 7 21.06 -6.31 21.87
CA LYS A 7 19.63 -6.07 22.19
C LYS A 7 18.75 -5.70 20.98
N ILE A 8 19.38 -5.38 19.85
CA ILE A 8 18.65 -5.08 18.61
C ILE A 8 17.92 -6.33 18.09
N LYS A 9 16.66 -6.16 17.69
CA LYS A 9 15.84 -7.27 17.20
C LYS A 9 15.71 -7.21 15.69
N VAL A 10 16.13 -8.27 15.02
CA VAL A 10 16.01 -8.33 13.57
C VAL A 10 14.58 -8.71 13.21
N ILE A 11 13.94 -7.83 12.44
CA ILE A 11 12.58 -8.05 11.97
C ILE A 11 12.62 -8.43 10.50
N LYS A 12 12.35 -9.71 10.24
N LYS A 12 12.36 -9.71 10.23
CA LYS A 12 12.27 -10.26 8.89
CA LYS A 12 12.30 -10.22 8.87
C LYS A 12 10.85 -10.08 8.36
C LYS A 12 10.87 -10.11 8.35
N VAL A 13 10.69 -9.31 7.29
CA VAL A 13 9.36 -9.01 6.74
C VAL A 13 9.18 -9.58 5.34
N PHE A 14 7.99 -10.11 5.09
CA PHE A 14 7.63 -10.66 3.79
C PHE A 14 6.36 -9.94 3.31
N GLU A 15 6.50 -9.23 2.20
CA GLU A 15 5.43 -8.38 1.69
C GLU A 15 4.77 -8.99 0.46
N ALA A 16 3.60 -9.57 0.63
CA ALA A 16 2.83 -10.09 -0.50
C ALA A 16 2.00 -8.96 -1.11
N PHE A 17 2.09 -8.83 -2.44
CA PHE A 17 1.44 -7.72 -3.15
C PHE A 17 1.98 -6.39 -2.63
N ALA A 18 3.30 -6.28 -2.68
CA ALA A 18 4.05 -5.26 -1.97
C ALA A 18 3.91 -3.85 -2.51
N GLY A 19 3.58 -3.70 -3.79
CA GLY A 19 3.52 -2.38 -4.42
C GLY A 19 4.85 -1.67 -4.28
N ILE A 20 4.81 -0.43 -3.79
CA ILE A 20 6.03 0.35 -3.56
C ILE A 20 6.53 0.22 -2.12
N GLY A 21 5.94 -0.68 -1.35
CA GLY A 21 6.47 -1.02 -0.03
C GLY A 21 6.14 -0.03 1.07
N SER A 22 4.88 0.42 1.16
N SER A 22 4.86 0.30 1.19
CA SER A 22 4.49 1.33 2.24
CA SER A 22 4.36 1.03 2.34
C SER A 22 4.79 0.68 3.59
C SER A 22 4.66 0.27 3.64
N GLN A 23 4.58 -0.64 3.63
N GLN A 23 4.53 -1.06 3.63
CA GLN A 23 4.81 -1.47 4.81
CA GLN A 23 4.79 -1.87 4.83
C GLN A 23 6.27 -1.47 5.27
C GLN A 23 6.24 -1.69 5.28
N PHE A 24 7.17 -1.78 4.34
CA PHE A 24 8.59 -1.72 4.63
C PHE A 24 9.00 -0.31 5.08
N LYS A 25 8.48 0.69 4.38
CA LYS A 25 8.72 2.09 4.72
C LYS A 25 8.27 2.38 6.17
N ALA A 26 7.08 1.91 6.53
CA ALA A 26 6.54 2.14 7.87
C ALA A 26 7.44 1.53 8.94
N LEU A 27 7.92 0.31 8.68
CA LEU A 27 8.80 -0.38 9.62
C LEU A 27 10.15 0.32 9.76
N LYS A 28 10.74 0.71 8.64
CA LYS A 28 11.98 1.50 8.63
C LYS A 28 11.82 2.81 9.39
N ASN A 29 10.67 3.47 9.24
CA ASN A 29 10.41 4.72 9.94
C ASN A 29 10.38 4.61 11.47
N ILE A 30 9.90 3.49 12.00
CA ILE A 30 9.81 3.32 13.46
C ILE A 30 10.93 2.45 14.05
N ALA A 31 11.74 1.84 13.19
CA ALA A 31 12.72 0.85 13.62
C ALA A 31 13.63 1.37 14.75
N ARG A 32 14.21 2.54 14.54
N ARG A 32 14.21 2.54 14.54
CA ARG A 32 15.15 3.13 15.50
CA ARG A 32 15.14 3.15 15.50
C ARG A 32 14.51 3.26 16.89
C ARG A 32 14.52 3.26 16.88
N SER A 33 13.29 3.78 16.94
CA SER A 33 12.56 3.94 18.19
C SER A 33 12.16 2.62 18.85
N LYS A 34 12.14 1.53 18.08
CA LYS A 34 11.85 0.20 18.63
C LYS A 34 13.12 -0.63 18.90
N ASN A 35 14.28 -0.09 18.54
CA ASN A 35 15.53 -0.86 18.48
C ASN A 35 15.37 -2.13 17.62
N TRP A 36 14.83 -1.94 16.42
CA TRP A 36 14.65 -2.99 15.44
C TRP A 36 15.58 -2.77 14.26
N GLU A 37 15.96 -3.86 13.60
CA GLU A 37 16.62 -3.82 12.30
C GLU A 37 15.71 -4.55 11.35
N ILE A 38 15.25 -3.84 10.31
CA ILE A 38 14.30 -4.41 9.36
C ILE A 38 15.06 -5.05 8.21
N GLN A 39 14.62 -6.25 7.82
CA GLN A 39 15.29 -7.02 6.81
C GLN A 39 14.26 -7.50 5.80
N HIS A 40 14.59 -7.46 4.52
CA HIS A 40 13.74 -8.05 3.51
C HIS A 40 13.91 -9.56 3.56
N SER A 41 12.88 -10.28 3.98
N SER A 41 12.88 -10.27 3.99
CA SER A 41 12.91 -11.74 3.91
CA SER A 41 12.87 -11.73 3.92
C SER A 41 12.36 -12.20 2.55
C SER A 41 12.40 -12.16 2.54
N GLY A 42 11.40 -11.44 2.02
CA GLY A 42 10.90 -11.70 0.67
C GLY A 42 9.76 -10.79 0.31
N MET A 43 9.32 -10.90 -0.94
CA MET A 43 8.20 -10.13 -1.42
C MET A 43 7.56 -10.80 -2.61
N VAL A 44 6.35 -10.36 -2.92
CA VAL A 44 5.65 -10.81 -4.11
C VAL A 44 5.03 -9.58 -4.77
N GLU A 45 5.53 -9.21 -5.93
CA GLU A 45 4.98 -8.11 -6.70
C GLU A 45 5.33 -8.33 -8.16
N TRP A 46 4.31 -8.34 -9.01
CA TRP A 46 4.53 -8.61 -10.43
C TRP A 46 4.40 -7.41 -11.35
N PHE A 47 3.96 -6.28 -10.81
CA PHE A 47 3.69 -5.07 -11.60
C PHE A 47 5.01 -4.34 -11.83
N VAL A 48 5.46 -4.33 -13.08
CA VAL A 48 6.78 -3.83 -13.44
C VAL A 48 7.10 -2.43 -12.88
N ASP A 49 6.15 -1.51 -12.98
N ASP A 49 6.15 -1.51 -12.98
CA ASP A 49 6.40 -0.14 -12.52
CA ASP A 49 6.38 -0.15 -12.53
C ASP A 49 6.48 -0.04 -11.00
C ASP A 49 6.49 -0.05 -11.01
N ALA A 50 5.71 -0.86 -10.29
CA ALA A 50 5.82 -0.94 -8.83
C ALA A 50 7.16 -1.52 -8.41
N ILE A 51 7.65 -2.52 -9.15
CA ILE A 51 8.91 -3.17 -8.81
C ILE A 51 10.06 -2.19 -9.01
N VAL A 52 10.06 -1.52 -10.14
CA VAL A 52 11.05 -0.49 -10.42
C VAL A 52 11.05 0.56 -9.32
N SER A 53 9.85 1.01 -8.93
CA SER A 53 9.73 2.05 -7.92
C SER A 53 10.13 1.55 -6.53
N TYR A 54 9.72 0.33 -6.19
CA TYR A 54 10.12 -0.29 -4.94
C TYR A 54 11.64 -0.31 -4.82
N VAL A 55 12.30 -0.76 -5.88
CA VAL A 55 13.76 -0.83 -5.90
C VAL A 55 14.37 0.57 -5.76
N ALA A 56 13.80 1.54 -6.47
CA ALA A 56 14.28 2.92 -6.39
C ALA A 56 14.20 3.49 -4.98
N ILE A 57 13.09 3.23 -4.28
CA ILE A 57 12.88 3.78 -2.95
C ILE A 57 13.68 3.08 -1.86
N HIS A 58 13.76 1.75 -1.95
CA HIS A 58 14.28 0.96 -0.82
C HIS A 58 15.70 0.44 -0.98
N SER A 59 16.26 0.50 -2.19
CA SER A 59 17.59 -0.08 -2.40
C SER A 59 18.66 0.87 -1.90
N LYS A 60 19.78 0.29 -1.50
CA LYS A 60 20.94 1.05 -1.03
C LYS A 60 22.07 0.70 -2.00
N ASN A 61 22.66 1.71 -2.61
CA ASN A 61 23.81 1.53 -3.51
C ASN A 61 23.52 0.74 -4.81
N PHE A 62 22.26 0.64 -5.23
CA PHE A 62 21.94 -0.01 -6.51
C PHE A 62 22.31 0.92 -7.66
N ASN A 63 23.09 0.41 -8.61
CA ASN A 63 23.43 1.16 -9.82
C ASN A 63 22.84 0.48 -11.06
N PRO A 64 21.74 1.03 -11.60
CA PRO A 64 21.12 0.46 -12.79
C PRO A 64 22.04 0.43 -14.00
N LYS A 65 21.89 -0.59 -14.83
CA LYS A 65 22.59 -0.65 -16.11
C LYS A 65 21.88 -1.63 -17.04
N ILE A 66 22.25 -1.63 -18.31
CA ILE A 66 21.61 -2.51 -19.28
C ILE A 66 21.96 -3.96 -18.94
N GLU A 67 20.94 -4.79 -18.78
CA GLU A 67 21.13 -6.21 -18.48
C GLU A 67 20.12 -7.10 -19.19
N ARG A 68 20.48 -8.37 -19.36
N ARG A 68 20.49 -8.37 -19.36
CA ARG A 68 19.53 -9.39 -19.79
CA ARG A 68 19.55 -9.41 -19.76
C ARG A 68 18.59 -9.68 -18.63
C ARG A 68 18.59 -9.66 -18.62
N LEU A 69 17.32 -9.89 -18.93
CA LEU A 69 16.35 -10.26 -17.90
C LEU A 69 16.63 -11.70 -17.50
N ASP A 70 16.65 -11.99 -16.20
CA ASP A 70 16.81 -13.35 -15.71
C ASP A 70 15.78 -14.27 -16.34
N ARG A 71 16.24 -15.43 -16.79
CA ARG A 71 15.41 -16.35 -17.60
C ARG A 71 14.15 -16.85 -16.89
N ASP A 72 14.12 -16.85 -15.56
CA ASP A 72 12.91 -17.31 -14.87
C ASP A 72 11.97 -16.19 -14.42
N ILE A 73 12.31 -14.92 -14.72
CA ILE A 73 11.38 -13.82 -14.48
C ILE A 73 10.40 -13.82 -15.65
N LEU A 74 9.33 -14.56 -15.48
CA LEU A 74 8.41 -14.85 -16.58
C LEU A 74 6.98 -14.42 -16.31
N SER A 75 6.59 -14.29 -15.06
CA SER A 75 5.24 -13.86 -14.74
C SER A 75 5.27 -12.46 -14.15
N ILE A 76 5.17 -11.46 -15.03
CA ILE A 76 5.15 -10.06 -14.64
C ILE A 76 4.08 -9.34 -15.46
N SER A 77 3.79 -8.09 -15.11
CA SER A 77 2.67 -7.37 -15.70
C SER A 77 3.05 -5.92 -15.92
N ASN A 78 2.71 -5.37 -17.10
CA ASN A 78 2.92 -3.95 -17.38
C ASN A 78 1.77 -3.08 -16.91
N ASP A 79 0.56 -3.64 -16.83
CA ASP A 79 -0.60 -2.86 -16.38
C ASP A 79 -1.05 -3.14 -14.95
N SER A 80 -0.50 -4.21 -14.35
CA SER A 80 -0.85 -4.69 -12.99
C SER A 80 -2.01 -5.71 -12.96
N LYS A 81 -2.75 -5.82 -14.07
CA LYS A 81 -3.91 -6.70 -14.14
C LYS A 81 -3.64 -7.99 -14.92
N MET A 82 -2.99 -7.86 -16.08
CA MET A 82 -2.82 -8.96 -17.02
C MET A 82 -1.34 -9.29 -17.23
N PRO A 83 -1.04 -10.58 -17.46
CA PRO A 83 0.35 -10.96 -17.61
C PRO A 83 0.96 -10.43 -18.91
N ILE A 84 2.25 -10.13 -18.87
N ILE A 84 2.25 -10.11 -18.87
CA ILE A 84 2.97 -9.63 -20.03
CA ILE A 84 2.98 -9.62 -20.04
C ILE A 84 3.21 -10.77 -21.01
C ILE A 84 3.20 -10.77 -21.02
N SER A 85 3.11 -10.48 -22.31
CA SER A 85 3.32 -11.49 -23.35
C SER A 85 4.81 -11.85 -23.51
N GLU A 86 5.07 -12.93 -24.25
CA GLU A 86 6.45 -13.32 -24.58
C GLU A 86 7.20 -12.18 -25.28
N TYR A 87 6.48 -11.40 -26.08
CA TYR A 87 7.05 -10.23 -26.77
C TYR A 87 7.40 -9.11 -25.80
N GLY A 88 6.49 -8.81 -24.89
CA GLY A 88 6.73 -7.77 -23.89
C GLY A 88 7.92 -8.08 -23.02
N ILE A 89 8.15 -9.37 -22.75
CA ILE A 89 9.32 -9.80 -21.99
C ILE A 89 10.60 -9.53 -22.77
N LYS A 90 10.57 -9.85 -24.06
CA LYS A 90 11.65 -9.51 -24.98
C LYS A 90 11.99 -8.00 -24.98
N LYS A 91 10.98 -7.16 -24.89
N LYS A 91 10.97 -7.15 -24.90
CA LYS A 91 11.16 -5.70 -24.88
CA LYS A 91 11.19 -5.70 -24.88
C LYS A 91 11.86 -5.19 -23.60
C LYS A 91 11.87 -5.19 -23.59
N ILE A 92 11.67 -5.90 -22.49
CA ILE A 92 12.34 -5.54 -21.23
C ILE A 92 13.78 -6.08 -21.23
N ASN A 93 13.96 -7.24 -21.86
CA ASN A 93 15.26 -7.87 -21.95
C ASN A 93 16.27 -6.93 -22.62
N ASN A 94 17.45 -6.80 -22.01
CA ASN A 94 18.52 -5.93 -22.52
C ASN A 94 18.19 -4.44 -22.43
N THR A 95 17.74 -4.04 -21.26
CA THR A 95 17.48 -2.64 -20.94
C THR A 95 17.89 -2.36 -19.50
N ILE A 96 17.99 -1.09 -19.14
CA ILE A 96 18.19 -0.67 -17.76
C ILE A 96 17.06 -1.23 -16.87
N LYS A 97 15.83 -1.21 -17.39
CA LYS A 97 14.68 -1.68 -16.65
C LYS A 97 14.85 -3.12 -16.16
N ALA A 98 15.43 -3.98 -16.99
CA ALA A 98 15.72 -5.37 -16.60
C ALA A 98 16.53 -5.44 -15.31
N SER A 99 17.49 -4.52 -15.14
CA SER A 99 18.36 -4.54 -13.97
C SER A 99 17.58 -4.32 -12.69
N TYR A 100 16.52 -3.51 -12.77
CA TYR A 100 15.65 -3.31 -11.61
C TYR A 100 14.94 -4.63 -11.24
N LEU A 101 14.42 -5.33 -12.24
CA LEU A 101 13.70 -6.60 -11.97
C LEU A 101 14.65 -7.67 -11.45
N ASN A 102 15.83 -7.77 -12.05
CA ASN A 102 16.88 -8.67 -11.56
C ASN A 102 17.30 -8.36 -10.13
N TYR A 103 17.39 -7.07 -9.79
CA TYR A 103 17.78 -6.66 -8.44
C TYR A 103 16.71 -7.02 -7.41
N ALA A 104 15.44 -6.78 -7.75
CA ALA A 104 14.33 -7.19 -6.88
C ALA A 104 14.35 -8.70 -6.59
N LYS A 105 14.62 -9.48 -7.61
CA LYS A 105 14.75 -10.93 -7.45
C LYS A 105 15.93 -11.30 -6.54
N LYS A 106 17.10 -10.79 -6.85
N LYS A 106 17.10 -10.78 -6.86
CA LYS A 106 18.33 -11.17 -6.16
CA LYS A 106 18.35 -11.16 -6.18
C LYS A 106 18.46 -10.61 -4.76
C LYS A 106 18.46 -10.61 -4.76
N HIS A 107 18.19 -9.32 -4.58
CA HIS A 107 18.41 -8.65 -3.28
C HIS A 107 17.19 -8.55 -2.37
N PHE A 108 15.98 -8.48 -2.94
CA PHE A 108 14.77 -8.43 -2.10
C PHE A 108 13.99 -9.74 -2.10
N ASN A 109 14.50 -10.75 -2.79
CA ASN A 109 13.84 -12.04 -2.89
C ASN A 109 12.39 -11.89 -3.33
N ASN A 110 12.19 -11.14 -4.42
CA ASN A 110 10.89 -11.03 -5.04
C ASN A 110 10.62 -12.33 -5.78
N LEU A 111 9.51 -12.97 -5.43
CA LEU A 111 9.08 -14.21 -6.09
C LEU A 111 8.03 -13.92 -7.18
N PHE A 112 7.68 -12.64 -7.31
CA PHE A 112 6.91 -12.07 -8.44
C PHE A 112 5.42 -12.43 -8.47
N ASP A 113 5.12 -13.72 -8.56
CA ASP A 113 3.76 -14.18 -8.74
C ASP A 113 3.40 -15.09 -7.57
N ILE A 114 2.29 -14.78 -6.89
CA ILE A 114 1.85 -15.55 -5.74
C ILE A 114 1.60 -17.03 -6.04
N LYS A 115 1.18 -17.34 -7.26
N LYS A 115 1.17 -17.34 -7.26
CA LYS A 115 0.94 -18.73 -7.67
CA LYS A 115 0.94 -18.72 -7.69
C LYS A 115 2.24 -19.54 -7.73
C LYS A 115 2.23 -19.54 -7.68
N LYS A 116 3.37 -18.85 -7.82
N LYS A 116 3.36 -18.87 -7.79
CA LYS A 116 4.66 -19.52 -7.81
CA LYS A 116 4.65 -19.55 -7.79
C LYS A 116 5.26 -19.66 -6.40
C LYS A 116 5.26 -19.66 -6.40
N VAL A 117 4.57 -19.15 -5.37
CA VAL A 117 5.04 -19.23 -4.00
C VAL A 117 4.55 -20.52 -3.36
N ASN A 118 5.45 -21.22 -2.69
CA ASN A 118 5.11 -22.48 -2.04
C ASN A 118 6.00 -22.72 -0.84
N LYS A 119 5.80 -23.83 -0.15
CA LYS A 119 6.61 -24.13 1.03
C LYS A 119 8.12 -24.33 0.76
N ASP A 120 8.48 -24.56 -0.50
N ASP A 120 8.49 -24.54 -0.50
CA ASP A 120 9.88 -24.72 -0.91
CA ASP A 120 9.89 -24.72 -0.86
C ASP A 120 10.64 -23.40 -1.03
C ASP A 120 10.65 -23.41 -1.16
N ASN A 121 9.92 -22.30 -1.28
CA ASN A 121 10.55 -20.96 -1.42
C ASN A 121 10.01 -19.88 -0.47
N PHE A 122 9.02 -20.21 0.35
CA PHE A 122 8.50 -19.27 1.34
C PHE A 122 9.44 -19.29 2.53
N PRO A 123 10.01 -18.13 2.90
CA PRO A 123 11.01 -18.10 3.96
C PRO A 123 10.49 -18.55 5.32
N LYS A 124 11.36 -19.19 6.10
N LYS A 124 11.36 -19.19 6.10
CA LYS A 124 11.03 -19.62 7.45
CA LYS A 124 11.03 -19.62 7.45
C LYS A 124 11.29 -18.48 8.42
C LYS A 124 11.30 -18.49 8.42
N ASN A 125 10.64 -18.54 9.58
CA ASN A 125 10.86 -17.59 10.68
C ASN A 125 10.54 -16.13 10.36
N ILE A 126 9.56 -15.91 9.49
CA ILE A 126 9.11 -14.55 9.17
C ILE A 126 8.49 -13.92 10.41
N ASP A 127 8.85 -12.68 10.65
CA ASP A 127 8.32 -11.95 11.78
C ASP A 127 7.01 -11.24 11.42
N ILE A 128 6.94 -10.66 10.23
CA ILE A 128 5.76 -9.94 9.75
C ILE A 128 5.45 -10.31 8.31
N PHE A 129 4.27 -10.85 8.07
CA PHE A 129 3.79 -11.18 6.73
C PHE A 129 2.61 -10.29 6.41
N THR A 130 2.75 -9.48 5.35
CA THR A 130 1.71 -8.56 4.96
C THR A 130 1.08 -9.03 3.64
N TYR A 131 -0.21 -8.76 3.50
CA TYR A 131 -0.94 -9.22 2.33
C TYR A 131 -2.23 -8.43 2.15
N SER A 132 -2.97 -8.77 1.09
N SER A 132 -2.96 -8.76 1.09
CA SER A 132 -4.25 -8.17 0.79
CA SER A 132 -4.25 -8.17 0.78
C SER A 132 -4.94 -9.08 -0.22
C SER A 132 -4.95 -9.10 -0.21
N PHE A 133 -6.16 -8.72 -0.62
CA PHE A 133 -6.91 -9.49 -1.62
C PHE A 133 -8.16 -8.71 -2.01
N PRO A 134 -8.67 -8.91 -3.24
CA PRO A 134 -9.94 -8.25 -3.61
C PRO A 134 -11.14 -9.00 -3.03
N CYS A 135 -12.23 -8.27 -2.75
CA CYS A 135 -13.39 -8.85 -2.07
C CYS A 135 -14.02 -10.04 -2.80
N GLN A 136 -13.94 -10.04 -4.12
CA GLN A 136 -14.42 -11.18 -4.93
C GLN A 136 -13.78 -12.51 -4.50
N ASP A 137 -12.53 -12.47 -4.03
CA ASP A 137 -11.81 -13.67 -3.61
C ASP A 137 -12.44 -14.42 -2.42
N LEU A 138 -13.31 -13.75 -1.67
CA LEU A 138 -13.95 -14.36 -0.50
C LEU A 138 -14.89 -15.52 -0.86
N SER A 139 -15.38 -15.53 -2.09
CA SER A 139 -16.27 -16.59 -2.57
C SER A 139 -15.79 -17.20 -3.89
N VAL A 140 -16.30 -18.38 -4.20
CA VAL A 140 -15.96 -19.12 -5.42
C VAL A 140 -16.22 -18.30 -6.71
N THR A 153 -15.83 -21.29 0.46
CA THR A 153 -14.59 -21.56 -0.25
C THR A 153 -14.04 -20.29 -0.92
N ARG A 154 -12.72 -20.14 -0.90
CA ARG A 154 -12.04 -18.95 -1.42
C ARG A 154 -11.63 -19.12 -2.89
N SER A 155 -11.27 -18.00 -3.52
CA SER A 155 -10.79 -18.00 -4.92
C SER A 155 -9.67 -16.98 -5.11
N GLY A 156 -9.06 -17.01 -6.29
CA GLY A 156 -8.10 -15.99 -6.69
C GLY A 156 -6.90 -15.89 -5.75
N LEU A 157 -6.49 -14.65 -5.49
CA LEU A 157 -5.30 -14.38 -4.68
C LEU A 157 -5.41 -14.89 -3.26
N LEU A 158 -6.60 -14.80 -2.68
CA LEU A 158 -6.82 -15.29 -1.33
C LEU A 158 -6.69 -16.80 -1.26
N TRP A 159 -7.21 -17.49 -2.27
CA TRP A 159 -7.05 -18.95 -2.35
C TRP A 159 -5.56 -19.33 -2.37
N GLU A 160 -4.75 -18.54 -3.06
CA GLU A 160 -3.30 -18.79 -3.10
C GLU A 160 -2.65 -18.54 -1.72
N ILE A 161 -3.09 -17.49 -1.04
CA ILE A 161 -2.60 -17.20 0.32
C ILE A 161 -2.95 -18.38 1.22
N GLU A 162 -4.21 -18.84 1.13
CA GLU A 162 -4.67 -19.99 1.87
C GLU A 162 -3.87 -21.25 1.57
N ARG A 163 -3.61 -21.51 0.28
CA ARG A 163 -2.77 -22.64 -0.13
C ARG A 163 -1.37 -22.55 0.49
N ILE A 164 -0.75 -21.38 0.45
CA ILE A 164 0.59 -21.20 1.01
C ILE A 164 0.60 -21.48 2.51
N LEU A 165 -0.38 -20.93 3.22
CA LEU A 165 -0.48 -21.15 4.66
C LEU A 165 -0.68 -22.63 5.00
N GLU A 166 -1.57 -23.30 4.26
N GLU A 166 -1.56 -23.30 4.25
CA GLU A 166 -1.78 -24.74 4.40
CA GLU A 166 -1.80 -24.73 4.41
C GLU A 166 -0.47 -25.49 4.22
C GLU A 166 -0.51 -25.53 4.19
N GLU A 167 0.23 -25.20 3.12
CA GLU A 167 1.50 -25.85 2.80
C GLU A 167 2.54 -25.65 3.90
N ILE A 168 2.77 -24.41 4.32
CA ILE A 168 3.81 -24.18 5.32
C ILE A 168 3.46 -24.75 6.69
N LYS A 169 2.17 -24.77 7.02
N LYS A 169 2.18 -24.79 7.05
CA LYS A 169 1.66 -25.35 8.25
CA LYS A 169 1.80 -25.34 8.34
C LYS A 169 2.09 -26.81 8.39
C LYS A 169 2.07 -26.85 8.42
N ASN A 170 2.01 -27.54 7.27
CA ASN A 170 2.37 -28.95 7.21
C ASN A 170 3.88 -29.23 7.16
N SER A 171 4.66 -28.30 6.61
CA SER A 171 6.11 -28.52 6.43
C SER A 171 6.98 -27.81 7.47
N PHE A 172 6.52 -26.67 7.96
CA PHE A 172 7.28 -25.91 8.96
C PHE A 172 6.90 -26.35 10.37
N SER A 173 7.81 -26.16 11.31
CA SER A 173 7.45 -26.17 12.71
C SER A 173 6.55 -24.95 12.97
N LYS A 174 5.72 -25.02 13.99
CA LYS A 174 4.89 -23.89 14.38
C LYS A 174 5.72 -22.61 14.58
N GLU A 175 6.91 -22.75 15.14
N GLU A 175 6.91 -22.74 15.17
CA GLU A 175 7.79 -21.62 15.44
CA GLU A 175 7.76 -21.59 15.44
C GLU A 175 8.37 -20.96 14.18
C GLU A 175 8.38 -20.95 14.18
N GLU A 176 8.42 -21.71 13.08
CA GLU A 176 8.91 -21.20 11.80
C GLU A 176 7.83 -20.46 10.99
N MET A 177 6.56 -20.59 11.38
N MET A 177 6.56 -20.59 11.41
CA MET A 177 5.48 -19.90 10.69
CA MET A 177 5.45 -19.87 10.78
C MET A 177 5.49 -18.43 11.07
C MET A 177 5.58 -18.39 11.05
N PRO A 178 4.99 -17.55 10.19
CA PRO A 178 5.01 -16.11 10.46
C PRO A 178 4.44 -15.77 11.85
N LYS A 179 5.14 -14.89 12.57
CA LYS A 179 4.69 -14.47 13.89
C LYS A 179 3.46 -13.57 13.83
N TYR A 180 3.47 -12.62 12.90
CA TYR A 180 2.34 -11.73 12.68
C TYR A 180 1.93 -11.71 11.21
N LEU A 181 0.63 -11.63 10.97
CA LEU A 181 0.08 -11.36 9.64
C LEU A 181 -0.64 -10.01 9.66
N LEU A 182 -0.52 -9.23 8.59
CA LEU A 182 -1.31 -8.00 8.48
C LEU A 182 -1.93 -7.88 7.09
N MET A 183 -3.26 -7.86 7.04
CA MET A 183 -4.02 -7.60 5.83
C MET A 183 -4.44 -6.14 5.81
N GLU A 184 -4.33 -5.50 4.65
CA GLU A 184 -5.00 -4.24 4.37
C GLU A 184 -6.07 -4.51 3.32
N ASN A 185 -7.16 -3.77 3.40
CA ASN A 185 -8.20 -3.87 2.40
C ASN A 185 -9.08 -2.64 2.37
N VAL A 186 -9.96 -2.59 1.37
CA VAL A 186 -10.92 -1.50 1.27
C VAL A 186 -12.12 -1.71 2.19
N LYS A 187 -12.86 -0.63 2.45
N LYS A 187 -12.84 -0.62 2.43
CA LYS A 187 -13.98 -0.61 3.38
CA LYS A 187 -13.94 -0.56 3.38
C LYS A 187 -15.09 -1.58 2.99
C LYS A 187 -15.06 -1.55 3.10
N ASN A 188 -15.25 -1.80 1.69
N ASN A 188 -15.33 -1.80 1.82
CA ASN A 188 -16.26 -2.74 1.17
CA ASN A 188 -16.40 -2.70 1.43
C ASN A 188 -16.14 -4.15 1.73
C ASN A 188 -16.13 -4.18 1.70
N LEU A 189 -14.97 -4.49 2.30
CA LEU A 189 -14.75 -5.81 2.90
C LEU A 189 -15.77 -6.10 4.01
N LEU A 190 -16.22 -5.04 4.68
CA LEU A 190 -17.19 -5.15 5.75
C LEU A 190 -18.64 -4.81 5.34
N SER A 191 -18.93 -4.86 4.03
CA SER A 191 -20.30 -4.59 3.55
C SER A 191 -21.25 -5.75 3.88
N HIS A 192 -22.55 -5.53 3.64
CA HIS A 192 -23.55 -6.57 3.86
C HIS A 192 -23.24 -7.86 3.08
N LYS A 193 -22.74 -7.71 1.87
CA LYS A 193 -22.50 -8.85 0.98
C LYS A 193 -21.19 -9.60 1.26
N ASN A 194 -20.25 -8.94 1.92
CA ASN A 194 -18.93 -9.51 2.16
C ASN A 194 -18.58 -9.86 3.62
N LYS A 195 -19.29 -9.26 4.56
N LYS A 195 -19.27 -9.28 4.58
CA LYS A 195 -18.96 -9.36 6.00
CA LYS A 195 -18.84 -9.37 5.98
C LYS A 195 -18.87 -10.79 6.50
C LYS A 195 -18.86 -10.81 6.53
N LYS A 196 -19.90 -11.57 6.20
CA LYS A 196 -19.98 -12.97 6.64
C LYS A 196 -18.84 -13.84 6.07
N ASN A 197 -18.56 -13.68 4.78
CA ASN A 197 -17.47 -14.41 4.14
C ASN A 197 -16.09 -13.99 4.65
N TYR A 198 -15.98 -12.73 5.05
CA TYR A 198 -14.75 -12.24 5.66
C TYR A 198 -14.56 -12.90 7.02
N ASN A 199 -15.65 -12.99 7.78
CA ASN A 199 -15.61 -13.68 9.06
C ASN A 199 -15.19 -15.15 8.92
N THR A 200 -15.59 -15.80 7.83
N THR A 200 -15.58 -15.78 7.82
CA THR A 200 -15.17 -17.18 7.58
CA THR A 200 -15.18 -17.17 7.55
C THR A 200 -13.66 -17.27 7.32
C THR A 200 -13.67 -17.27 7.31
N TRP A 201 -13.09 -16.26 6.66
CA TRP A 201 -11.63 -16.21 6.47
C TRP A 201 -10.90 -16.10 7.83
N LEU A 202 -11.43 -15.30 8.74
CA LEU A 202 -10.86 -15.17 10.08
C LEU A 202 -10.90 -16.52 10.85
N LYS A 203 -11.97 -17.29 10.65
CA LYS A 203 -12.06 -18.63 11.22
C LYS A 203 -10.99 -19.55 10.66
N GLN A 204 -10.71 -19.40 9.36
CA GLN A 204 -9.68 -20.18 8.71
C GLN A 204 -8.29 -19.83 9.28
N LEU A 205 -8.04 -18.53 9.49
CA LEU A 205 -6.80 -18.09 10.11
C LEU A 205 -6.67 -18.71 11.51
N GLU A 206 -7.80 -18.79 12.21
CA GLU A 206 -7.86 -19.49 13.49
C GLU A 206 -7.38 -20.93 13.37
N LYS A 207 -7.93 -21.66 12.39
N LYS A 207 -7.90 -21.67 12.39
CA LYS A 207 -7.52 -23.04 12.10
CA LYS A 207 -7.50 -23.06 12.22
C LYS A 207 -6.02 -23.16 11.84
C LYS A 207 -6.04 -23.20 11.76
N PHE A 208 -5.45 -22.13 11.23
CA PHE A 208 -4.01 -22.07 10.96
C PHE A 208 -3.15 -21.71 12.18
N GLY A 209 -3.79 -21.34 13.30
CA GLY A 209 -3.09 -21.02 14.55
C GLY A 209 -2.92 -19.54 14.85
N TYR A 210 -3.79 -18.70 14.28
CA TYR A 210 -3.69 -17.25 14.44
C TYR A 210 -4.92 -16.66 15.10
N LYS A 211 -4.71 -15.74 16.02
CA LYS A 211 -5.80 -14.96 16.58
C LYS A 211 -5.73 -13.57 15.96
N SER A 212 -6.89 -13.01 15.63
CA SER A 212 -6.93 -11.79 14.83
C SER A 212 -7.85 -10.72 15.39
N LYS A 213 -7.59 -9.49 14.95
N LYS A 213 -7.57 -9.47 15.02
CA LYS A 213 -8.37 -8.31 15.33
CA LYS A 213 -8.41 -8.33 15.35
C LYS A 213 -8.59 -7.46 14.08
C LYS A 213 -8.60 -7.47 14.10
N THR A 214 -9.85 -7.14 13.80
CA THR A 214 -10.20 -6.29 12.66
C THR A 214 -10.27 -4.82 13.08
N TYR A 215 -9.56 -3.95 12.35
CA TYR A 215 -9.61 -2.51 12.57
C TYR A 215 -10.13 -1.79 11.32
N LEU A 216 -11.07 -0.86 11.49
CA LEU A 216 -11.45 0.06 10.44
C LEU A 216 -10.87 1.41 10.81
N LEU A 217 -9.89 1.88 10.03
CA LEU A 217 -9.13 3.07 10.37
C LEU A 217 -9.15 4.10 9.26
N ASN A 218 -9.20 5.37 9.63
CA ASN A 218 -9.17 6.46 8.69
C ASN A 218 -7.83 7.19 8.80
N SER A 219 -7.17 7.33 7.66
CA SER A 219 -5.88 8.05 7.56
C SER A 219 -5.94 9.43 8.21
N LYS A 220 -7.10 10.09 8.14
CA LYS A 220 -7.24 11.44 8.67
C LYS A 220 -6.96 11.51 10.17
N ASN A 221 -7.11 10.38 10.86
CA ASN A 221 -6.84 10.27 12.28
C ASN A 221 -5.41 9.90 12.61
N PHE A 222 -4.60 9.67 11.57
CA PHE A 222 -3.20 9.33 11.73
C PHE A 222 -2.30 10.33 11.01
N ASP A 223 -2.46 11.60 11.41
N ASP A 223 -2.44 11.60 11.42
CA ASP A 223 -1.64 12.72 10.95
CA ASP A 223 -1.61 12.72 10.95
C ASP A 223 -1.65 12.94 9.44
C ASP A 223 -1.64 12.93 9.45
N ASN A 224 -2.80 12.72 8.82
CA ASN A 224 -2.92 12.91 7.37
C ASN A 224 -4.07 13.83 6.98
N CYS A 225 -3.91 14.47 5.82
CA CYS A 225 -4.92 15.37 5.28
C CYS A 225 -5.77 14.68 4.20
N GLN A 226 -5.97 13.37 4.37
CA GLN A 226 -6.69 12.56 3.42
C GLN A 226 -7.78 11.74 4.14
N ASN A 227 -9.01 11.79 3.63
CA ASN A 227 -10.05 10.85 4.03
C ASN A 227 -9.74 9.53 3.33
N ARG A 228 -9.37 8.52 4.11
CA ARG A 228 -9.08 7.20 3.55
C ARG A 228 -9.35 6.12 4.60
N GLU A 229 -10.49 5.45 4.46
CA GLU A 229 -10.93 4.41 5.37
C GLU A 229 -10.49 3.04 4.85
N ARG A 230 -9.66 2.35 5.62
CA ARG A 230 -9.18 1.04 5.24
C ARG A 230 -9.41 0.03 6.37
N VAL A 231 -9.57 -1.22 5.98
CA VAL A 231 -9.73 -2.32 6.92
C VAL A 231 -8.40 -3.00 7.09
N PHE A 232 -8.03 -3.27 8.34
CA PHE A 232 -6.82 -4.02 8.64
C PHE A 232 -7.20 -5.21 9.52
N CYS A 233 -6.60 -6.36 9.22
CA CYS A 233 -6.72 -7.55 10.04
C CYS A 233 -5.31 -7.90 10.47
N LEU A 234 -5.02 -7.59 11.73
CA LEU A 234 -3.76 -7.93 12.36
C LEU A 234 -3.95 -9.27 13.04
N SER A 235 -3.08 -10.22 12.72
CA SER A 235 -3.13 -11.56 13.29
C SER A 235 -1.81 -11.87 13.98
N ILE A 236 -1.89 -12.61 15.08
CA ILE A 236 -0.70 -13.04 15.81
C ILE A 236 -0.78 -14.56 16.02
N ARG A 237 0.33 -15.24 15.78
CA ARG A 237 0.39 -16.68 15.94
C ARG A 237 0.15 -16.99 17.42
N ASP A 238 -0.74 -17.94 17.69
CA ASP A 238 -1.33 -18.06 19.03
C ASP A 238 -0.35 -18.46 20.13
N ASP A 239 0.64 -19.28 19.80
CA ASP A 239 1.73 -19.57 20.73
C ASP A 239 2.62 -18.36 21.01
N TYR A 240 2.81 -17.49 20.02
CA TYR A 240 3.61 -16.27 20.20
C TYR A 240 2.89 -15.25 21.07
N LEU A 241 1.57 -15.20 20.92
CA LEU A 241 0.71 -14.40 21.78
C LEU A 241 0.96 -14.75 23.24
N GLU A 242 0.86 -16.05 23.55
CA GLU A 242 1.11 -16.56 24.91
C GLU A 242 2.54 -16.24 25.40
N LYS A 243 3.52 -16.44 24.52
N LYS A 243 3.52 -16.42 24.53
CA LYS A 243 4.92 -16.20 24.87
CA LYS A 243 4.93 -16.20 24.89
C LYS A 243 5.22 -14.73 25.18
C LYS A 243 5.25 -14.73 25.16
N THR A 244 4.64 -13.82 24.40
CA THR A 244 4.91 -12.38 24.55
C THR A 244 4.00 -11.65 25.52
N GLY A 245 2.79 -12.17 25.71
CA GLY A 245 1.76 -11.47 26.48
C GLY A 245 1.20 -10.29 25.69
N PHE A 246 1.26 -10.39 24.36
CA PHE A 246 0.76 -9.34 23.49
C PHE A 246 -0.73 -9.14 23.72
N LYS A 247 -1.16 -7.89 23.73
CA LYS A 247 -2.58 -7.55 23.75
C LYS A 247 -2.86 -6.59 22.59
N PHE A 248 -4.00 -6.78 21.92
CA PHE A 248 -4.37 -5.90 20.80
C PHE A 248 -4.70 -4.53 21.34
N LYS A 249 -4.21 -3.47 20.68
CA LYS A 249 -4.53 -2.10 21.09
C LYS A 249 -5.79 -1.62 20.38
N GLU A 250 -6.53 -0.74 21.03
CA GLU A 250 -7.76 -0.17 20.45
C GLU A 250 -7.45 1.02 19.53
N LEU A 251 -7.09 0.71 18.30
CA LEU A 251 -6.66 1.75 17.36
C LEU A 251 -7.79 2.59 16.78
N GLU A 252 -9.01 2.08 16.79
CA GLU A 252 -10.16 2.81 16.25
C GLU A 252 -10.56 4.04 17.06
N LYS A 253 -10.02 4.19 18.28
CA LYS A 253 -10.29 5.37 19.09
C LYS A 253 -9.22 6.45 18.94
N VAL A 254 -8.11 6.13 18.27
CA VAL A 254 -7.03 7.09 18.10
C VAL A 254 -7.50 8.26 17.22
N LYS A 255 -7.25 9.48 17.68
N LYS A 255 -7.25 9.48 17.68
CA LYS A 255 -7.57 10.69 16.93
CA LYS A 255 -7.58 10.69 16.93
C LYS A 255 -6.48 11.72 17.12
C LYS A 255 -6.48 11.72 17.12
N ASN A 256 -5.47 11.67 16.25
CA ASN A 256 -4.36 12.64 16.31
C ASN A 256 -4.82 14.02 15.82
N PRO A 257 -3.99 15.07 16.04
CA PRO A 257 -4.43 16.38 15.58
C PRO A 257 -4.64 16.41 14.06
N PRO A 258 -5.73 17.05 13.60
N PRO A 258 -5.65 17.16 13.60
CA PRO A 258 -6.01 17.15 12.17
CA PRO A 258 -5.99 17.21 12.18
C PRO A 258 -4.87 17.75 11.34
C PRO A 258 -4.86 17.83 11.35
N LYS A 259 -4.82 17.38 10.06
N LYS A 259 -4.63 17.29 10.17
CA LYS A 259 -3.86 17.95 9.13
CA LYS A 259 -3.74 17.92 9.20
C LYS A 259 -4.63 18.44 7.91
C LYS A 259 -4.57 18.31 8.00
N LYS A 260 -4.20 19.56 7.34
N LYS A 260 -4.21 19.40 7.33
CA LYS A 260 -4.87 20.14 6.18
CA LYS A 260 -4.95 19.89 6.19
C LYS A 260 -4.09 19.88 4.90
C LYS A 260 -4.11 19.86 4.91
N ILE A 261 -4.78 19.88 3.77
CA ILE A 261 -4.12 19.73 2.45
C ILE A 261 -2.99 20.76 2.28
N LYS A 262 -3.25 21.97 2.75
N LYS A 262 -3.21 21.98 2.76
CA LYS A 262 -2.31 23.10 2.75
CA LYS A 262 -2.24 23.06 2.61
C LYS A 262 -0.91 22.70 3.25
C LYS A 262 -0.88 22.71 3.26
N ASP A 263 -0.89 21.83 4.26
CA ASP A 263 0.35 21.44 4.94
C ASP A 263 1.30 20.58 4.08
N ILE A 264 0.82 19.96 3.00
CA ILE A 264 1.70 19.16 2.12
C ILE A 264 1.99 19.79 0.76
N LEU A 265 1.34 20.91 0.44
CA LEU A 265 1.49 21.50 -0.89
C LEU A 265 2.89 22.05 -1.14
N VAL A 266 3.33 21.93 -2.38
CA VAL A 266 4.68 22.31 -2.79
C VAL A 266 4.57 23.60 -3.63
N ASP A 267 5.34 24.61 -3.26
CA ASP A 267 5.34 25.88 -4.00
C ASP A 267 6.03 25.76 -5.35
N SER A 268 5.44 26.35 -6.38
CA SER A 268 6.04 26.38 -7.70
C SER A 268 5.50 27.55 -8.49
N SER A 269 6.30 28.06 -9.42
N SER A 269 6.30 28.03 -9.44
CA SER A 269 5.88 29.15 -10.29
CA SER A 269 5.89 29.08 -10.34
C SER A 269 5.47 28.62 -11.66
C SER A 269 5.44 28.49 -11.67
N ASN A 270 5.41 27.30 -11.81
N ASN A 270 5.49 27.17 -11.79
CA ASN A 270 5.16 26.69 -13.10
CA ASN A 270 5.30 26.53 -13.08
C ASN A 270 4.20 25.50 -13.06
C ASN A 270 4.11 25.57 -13.18
N TYR A 271 3.16 25.62 -12.25
CA TYR A 271 2.06 24.67 -12.29
C TYR A 271 1.09 24.98 -13.43
N LYS A 272 0.38 23.96 -13.88
N LYS A 272 0.37 23.97 -13.89
CA LYS A 272 -0.69 24.12 -14.87
CA LYS A 272 -0.67 24.14 -14.89
C LYS A 272 -2.01 24.31 -14.14
C LYS A 272 -2.01 24.29 -14.18
N TYR A 273 -2.73 25.37 -14.48
CA TYR A 273 -4.01 25.65 -13.83
C TYR A 273 -5.12 25.35 -14.80
N LEU A 274 -6.24 24.87 -14.27
CA LEU A 274 -7.35 24.47 -15.10
C LEU A 274 -8.19 25.68 -15.45
N ASN A 275 -8.68 25.72 -16.70
CA ASN A 275 -9.64 26.74 -17.09
C ASN A 275 -11.06 26.26 -16.77
N LEU A 276 -11.63 26.81 -15.70
CA LEU A 276 -12.97 26.43 -15.27
C LEU A 276 -13.97 27.56 -15.47
N ASN A 277 -13.61 28.53 -16.32
CA ASN A 277 -14.46 29.70 -16.53
C ASN A 277 -15.86 29.39 -17.05
N LYS A 278 -16.01 28.30 -17.80
N LYS A 278 -16.01 28.31 -17.81
CA LYS A 278 -17.30 27.91 -18.37
CA LYS A 278 -17.31 27.90 -18.36
C LYS A 278 -18.29 27.33 -17.35
C LYS A 278 -18.31 27.43 -17.31
N TYR A 279 -17.83 26.96 -16.16
CA TYR A 279 -18.66 26.21 -15.21
C TYR A 279 -19.12 27.01 -14.00
N GLU A 280 -20.43 26.96 -13.75
N GLU A 280 -20.43 26.98 -13.77
CA GLU A 280 -21.02 27.59 -12.58
CA GLU A 280 -21.04 27.55 -12.58
C GLU A 280 -20.63 26.77 -11.34
C GLU A 280 -20.59 26.77 -11.34
N THR A 281 -20.59 27.44 -10.20
CA THR A 281 -20.20 26.80 -8.95
C THR A 281 -20.96 27.42 -7.78
N THR A 282 -20.60 27.03 -6.57
CA THR A 282 -21.28 27.46 -5.36
C THR A 282 -20.24 27.73 -4.30
N THR A 283 -20.69 28.13 -3.11
CA THR A 283 -19.82 28.22 -1.95
C THR A 283 -19.28 26.84 -1.56
N PHE A 284 -18.15 26.83 -0.85
CA PHE A 284 -17.61 25.61 -0.26
C PHE A 284 -18.51 25.15 0.86
N ARG A 285 -18.66 23.85 1.02
N ARG A 285 -18.64 23.83 1.00
CA ARG A 285 -19.38 23.29 2.16
CA ARG A 285 -19.41 23.21 2.07
C ARG A 285 -18.53 22.19 2.77
C ARG A 285 -18.52 22.18 2.74
N GLU A 286 -18.54 22.14 4.11
N GLU A 286 -18.54 22.15 4.07
CA GLU A 286 -17.81 21.13 4.83
CA GLU A 286 -17.81 21.13 4.82
C GLU A 286 -18.76 20.02 5.27
C GLU A 286 -18.76 20.02 5.26
N THR A 287 -18.37 18.77 5.01
CA THR A 287 -19.15 17.61 5.45
C THR A 287 -18.67 17.13 6.82
N LYS A 288 -19.36 16.12 7.37
CA LYS A 288 -19.00 15.56 8.67
C LYS A 288 -17.58 14.98 8.69
N SER A 289 -17.13 14.47 7.55
CA SER A 289 -15.78 13.91 7.41
C SER A 289 -14.63 14.93 7.31
N ASN A 290 -14.93 16.22 7.46
N ASN A 290 -14.95 16.22 7.44
CA ASN A 290 -13.96 17.33 7.37
CA ASN A 290 -13.97 17.30 7.38
C ASN A 290 -13.47 17.64 5.94
C ASN A 290 -13.46 17.61 5.96
N ILE A 291 -14.13 17.07 4.93
CA ILE A 291 -13.84 17.40 3.52
C ILE A 291 -14.59 18.68 3.14
N ILE A 292 -13.88 19.65 2.59
CA ILE A 292 -14.48 20.93 2.23
C ILE A 292 -14.43 21.05 0.72
N SER A 293 -15.59 21.08 0.09
CA SER A 293 -15.64 21.01 -1.38
C SER A 293 -16.77 21.84 -1.96
N ARG A 294 -16.66 22.12 -3.26
CA ARG A 294 -17.72 22.76 -4.01
C ARG A 294 -17.85 22.10 -5.38
N PRO A 295 -19.09 22.02 -5.90
CA PRO A 295 -19.30 21.39 -7.19
C PRO A 295 -19.12 22.33 -8.38
N LEU A 296 -18.73 21.73 -9.51
CA LEU A 296 -18.77 22.38 -10.82
C LEU A 296 -19.99 21.87 -11.58
N LYS A 297 -20.82 22.79 -12.06
N LYS A 297 -20.82 22.80 -12.05
CA LYS A 297 -22.04 22.44 -12.76
CA LYS A 297 -22.03 22.47 -12.78
C LYS A 297 -21.77 22.31 -14.26
C LYS A 297 -21.74 22.30 -14.27
N ASN A 298 -22.40 21.32 -14.89
CA ASN A 298 -22.22 21.06 -16.34
C ASN A 298 -20.77 20.74 -16.71
N TYR A 299 -20.04 20.11 -15.80
CA TYR A 299 -18.62 19.79 -15.98
C TYR A 299 -18.54 18.38 -16.57
N THR A 300 -18.95 17.38 -15.81
CA THR A 300 -19.15 16.03 -16.36
C THR A 300 -20.43 15.45 -15.77
N THR A 301 -20.80 14.27 -16.23
CA THR A 301 -21.92 13.55 -15.64
C THR A 301 -21.45 12.59 -14.54
N PHE A 302 -20.17 12.64 -14.19
CA PHE A 302 -19.57 11.75 -13.20
C PHE A 302 -19.33 12.52 -11.90
N ASN A 303 -20.15 12.22 -10.90
CA ASN A 303 -20.21 13.07 -9.70
C ASN A 303 -18.87 13.34 -9.06
N SER A 304 -18.06 12.30 -8.89
N SER A 304 -18.06 12.29 -8.89
CA SER A 304 -16.77 12.39 -8.21
CA SER A 304 -16.76 12.39 -8.21
C SER A 304 -15.76 13.27 -8.95
C SER A 304 -15.77 13.28 -8.95
N GLU A 305 -15.94 13.44 -10.26
CA GLU A 305 -15.08 14.29 -11.06
C GLU A 305 -15.43 15.79 -10.91
N ASN A 306 -16.61 16.09 -10.39
CA ASN A 306 -17.15 17.45 -10.43
C ASN A 306 -16.84 18.32 -9.21
N TYR A 307 -15.93 17.90 -8.34
CA TYR A 307 -15.64 18.64 -7.12
C TYR A 307 -14.27 19.30 -7.11
N VAL A 308 -14.23 20.51 -6.54
CA VAL A 308 -12.98 21.19 -6.24
C VAL A 308 -12.85 21.22 -4.73
N TYR A 309 -11.66 20.93 -4.23
CA TYR A 309 -11.44 20.83 -2.80
C TYR A 309 -10.72 22.06 -2.24
N ASN A 310 -11.11 22.42 -1.01
CA ASN A 310 -10.52 23.53 -0.28
C ASN A 310 -9.30 23.04 0.47
N ILE A 311 -8.21 23.76 0.38
CA ILE A 311 -6.95 23.30 0.98
C ILE A 311 -6.89 23.44 2.50
N ASN A 312 -7.89 24.08 3.09
CA ASN A 312 -7.96 24.21 4.54
C ASN A 312 -8.66 23.05 5.23
N GLY A 313 -9.10 22.06 4.46
CA GLY A 313 -9.68 20.84 4.99
C GLY A 313 -8.91 19.61 4.54
N ILE A 314 -9.52 18.44 4.65
CA ILE A 314 -8.91 17.22 4.11
C ILE A 314 -9.45 16.91 2.72
N GLY A 315 -8.72 16.09 1.99
CA GLY A 315 -9.10 15.74 0.66
C GLY A 315 -9.72 14.36 0.60
N PRO A 316 -10.10 13.94 -0.60
CA PRO A 316 -10.71 12.65 -0.81
C PRO A 316 -9.67 11.54 -0.88
N THR A 317 -10.15 10.30 -0.81
CA THR A 317 -9.30 9.13 -1.04
C THR A 317 -8.62 9.20 -2.39
N LEU A 318 -7.28 9.11 -2.40
CA LEU A 318 -6.53 9.03 -3.66
C LEU A 318 -6.70 7.64 -4.24
N THR A 319 -7.25 7.58 -5.44
CA THR A 319 -7.36 6.34 -6.17
C THR A 319 -6.22 6.25 -7.19
N ALA A 320 -5.99 5.04 -7.69
CA ALA A 320 -4.94 4.83 -8.68
C ALA A 320 -5.27 5.47 -10.02
N SER A 321 -6.55 5.44 -10.38
CA SER A 321 -7.05 5.92 -11.67
C SER A 321 -8.28 6.82 -11.52
N GLY A 322 -8.71 7.43 -12.61
CA GLY A 322 -10.02 8.09 -12.62
C GLY A 322 -10.12 9.35 -11.79
N ALA A 323 -11.36 9.67 -11.40
CA ALA A 323 -11.70 10.96 -10.80
C ALA A 323 -10.87 11.25 -9.56
N ASN A 324 -10.74 10.26 -8.67
CA ASN A 324 -10.02 10.47 -7.42
C ASN A 324 -8.49 10.34 -7.55
N SER A 325 -8.00 10.17 -8.77
CA SER A 325 -6.57 10.32 -9.03
C SER A 325 -6.27 11.71 -9.59
N ARG A 326 -7.31 12.48 -9.91
CA ARG A 326 -7.23 13.84 -10.45
C ARG A 326 -7.90 14.81 -9.46
N ILE A 327 -7.21 15.07 -8.36
CA ILE A 327 -7.80 15.80 -7.24
C ILE A 327 -7.59 17.29 -7.45
N LYS A 328 -8.67 18.01 -7.74
CA LYS A 328 -8.61 19.45 -7.98
C LYS A 328 -8.65 20.21 -6.66
N ILE A 329 -7.65 21.07 -6.46
CA ILE A 329 -7.58 21.93 -5.28
C ILE A 329 -7.59 23.41 -5.69
N GLU A 330 -8.24 24.24 -4.88
CA GLU A 330 -8.26 25.68 -5.12
C GLU A 330 -7.10 26.36 -4.37
N THR A 331 -6.23 27.02 -5.13
CA THR A 331 -5.12 27.78 -4.54
C THR A 331 -5.24 29.24 -4.95
N GLN A 332 -4.44 30.10 -4.33
CA GLN A 332 -4.40 31.52 -4.69
C GLN A 332 -4.15 31.69 -6.19
N GLN A 333 -3.29 30.83 -6.75
CA GLN A 333 -2.87 30.92 -8.15
C GLN A 333 -3.87 30.31 -9.16
N GLY A 334 -4.91 29.65 -8.65
CA GLY A 334 -5.90 28.98 -9.50
C GLY A 334 -6.18 27.55 -9.03
N VAL A 335 -7.03 26.86 -9.77
CA VAL A 335 -7.36 25.47 -9.47
C VAL A 335 -6.42 24.57 -10.27
N ARG A 336 -5.82 23.60 -9.59
CA ARG A 336 -4.93 22.63 -10.23
C ARG A 336 -5.09 21.26 -9.63
N TYR A 337 -4.56 20.26 -10.31
CA TYR A 337 -4.46 18.92 -9.72
C TYR A 337 -3.32 18.82 -8.71
N LEU A 338 -3.51 17.99 -7.69
CA LEU A 338 -2.40 17.54 -6.86
C LEU A 338 -1.39 16.84 -7.77
N THR A 339 -0.13 17.22 -7.65
CA THR A 339 0.93 16.68 -8.50
C THR A 339 1.37 15.31 -8.01
N PRO A 340 2.12 14.57 -8.85
CA PRO A 340 2.66 13.28 -8.41
C PRO A 340 3.44 13.36 -7.09
N LEU A 341 4.31 14.36 -6.95
CA LEU A 341 5.05 14.56 -5.69
C LEU A 341 4.09 14.74 -4.52
N GLU A 342 3.11 15.60 -4.69
CA GLU A 342 2.13 15.84 -3.64
C GLU A 342 1.29 14.59 -3.35
N CYS A 343 1.03 13.77 -4.37
CA CYS A 343 0.38 12.47 -4.15
C CYS A 343 1.21 11.51 -3.28
N PHE A 344 2.53 11.46 -3.50
CA PHE A 344 3.44 10.70 -2.62
C PHE A 344 3.37 11.21 -1.18
N LYS A 345 3.40 12.53 -1.02
CA LYS A 345 3.30 13.14 0.31
C LYS A 345 1.92 12.87 0.95
N TYR A 346 0.88 12.84 0.12
CA TYR A 346 -0.50 12.53 0.50
C TYR A 346 -0.65 11.10 1.05
N MET A 347 0.21 10.20 0.60
CA MET A 347 0.26 8.82 1.09
C MET A 347 1.33 8.64 2.18
N GLN A 348 1.95 9.76 2.58
CA GLN A 348 2.95 9.83 3.66
C GLN A 348 4.30 9.17 3.35
N PHE A 349 4.61 9.09 2.05
CA PHE A 349 5.98 8.87 1.62
C PHE A 349 6.67 10.23 1.67
N ASP A 350 7.99 10.25 1.67
N ASP A 350 8.00 10.22 1.63
CA ASP A 350 8.71 11.53 1.74
CA ASP A 350 8.79 11.44 1.72
C ASP A 350 9.16 11.99 0.37
C ASP A 350 9.13 11.99 0.34
N VAL A 351 9.58 13.23 0.30
CA VAL A 351 10.02 13.87 -0.95
C VAL A 351 11.15 13.06 -1.60
N ASN A 352 12.10 12.59 -0.79
CA ASN A 352 13.22 11.81 -1.28
C ASN A 352 12.80 10.50 -1.95
N ASP A 353 11.77 9.84 -1.42
CA ASP A 353 11.20 8.65 -2.04
C ASP A 353 10.72 8.98 -3.45
N PHE A 354 9.96 10.07 -3.57
CA PHE A 354 9.46 10.49 -4.88
C PHE A 354 10.57 10.80 -5.86
N LYS A 355 11.58 11.52 -5.40
N LYS A 355 11.58 11.53 -5.38
CA LYS A 355 12.68 11.91 -6.26
CA LYS A 355 12.71 11.92 -6.23
C LYS A 355 13.47 10.71 -6.76
C LYS A 355 13.44 10.70 -6.77
N LYS A 356 13.57 9.66 -5.94
CA LYS A 356 14.20 8.41 -6.37
C LYS A 356 13.40 7.73 -7.47
N VAL A 357 12.09 7.72 -7.36
CA VAL A 357 11.25 7.14 -8.40
C VAL A 357 11.36 7.97 -9.68
N GLN A 358 11.24 9.29 -9.53
CA GLN A 358 11.34 10.21 -10.68
C GLN A 358 12.66 10.06 -11.41
N SER A 359 13.74 9.97 -10.64
CA SER A 359 15.09 9.80 -11.18
C SER A 359 15.33 8.53 -11.97
N THR A 360 14.46 7.52 -11.88
CA THR A 360 14.63 6.34 -12.70
C THR A 360 14.39 6.67 -14.17
N ASN A 361 13.61 7.73 -14.43
CA ASN A 361 13.18 8.10 -15.77
C ASN A 361 12.43 6.95 -16.47
N LEU A 362 11.81 6.08 -15.68
CA LEU A 362 11.07 4.95 -16.23
C LEU A 362 9.58 5.02 -15.94
N ILE A 363 9.16 5.89 -15.03
CA ILE A 363 7.77 5.94 -14.59
C ILE A 363 7.12 7.28 -14.92
N SER A 364 6.06 7.23 -15.71
CA SER A 364 5.35 8.42 -16.11
C SER A 364 4.63 9.05 -14.92
N GLU A 365 4.23 10.31 -15.07
CA GLU A 365 3.50 11.00 -14.00
C GLU A 365 2.22 10.27 -13.59
N ASN A 366 1.41 9.83 -14.57
CA ASN A 366 0.20 9.08 -14.26
C ASN A 366 0.44 7.72 -13.61
N LYS A 367 1.50 7.05 -14.05
CA LYS A 367 1.89 5.78 -13.41
C LYS A 367 2.36 5.97 -11.97
N MET A 368 3.04 7.09 -11.69
N MET A 368 3.04 7.09 -11.70
CA MET A 368 3.48 7.37 -10.32
CA MET A 368 3.46 7.44 -10.35
C MET A 368 2.27 7.62 -9.41
C MET A 368 2.26 7.60 -9.44
N ILE A 369 1.25 8.30 -9.93
CA ILE A 369 0.00 8.49 -9.19
C ILE A 369 -0.72 7.14 -9.02
N TYR A 370 -0.69 6.32 -10.06
CA TYR A 370 -1.28 5.00 -10.02
C TYR A 370 -0.69 4.14 -8.88
N ILE A 371 0.63 4.12 -8.77
CA ILE A 371 1.26 3.33 -7.71
C ILE A 371 1.03 3.96 -6.33
N ALA A 372 0.99 5.29 -6.26
CA ALA A 372 0.69 5.97 -5.00
C ALA A 372 -0.74 5.66 -4.55
N GLY A 373 -1.68 5.71 -5.49
CA GLY A 373 -3.09 5.42 -5.22
C GLY A 373 -3.36 4.00 -4.75
N ASN A 374 -2.52 3.07 -5.18
CA ASN A 374 -2.58 1.68 -4.71
C ASN A 374 -1.91 1.40 -3.35
N SER A 375 -1.19 2.38 -2.80
N SER A 375 -1.20 2.38 -2.80
N SER A 375 -1.20 2.38 -2.80
CA SER A 375 -0.43 2.14 -1.58
CA SER A 375 -0.43 2.17 -1.59
CA SER A 375 -0.42 2.18 -1.58
C SER A 375 -1.28 2.37 -0.33
C SER A 375 -1.27 2.38 -0.33
C SER A 375 -1.27 2.39 -0.33
N ILE A 376 -0.62 2.39 0.83
CA ILE A 376 -1.28 2.58 2.12
C ILE A 376 -0.62 3.76 2.82
N PRO A 377 -1.42 4.67 3.39
CA PRO A 377 -0.79 5.78 4.12
C PRO A 377 0.12 5.29 5.23
N VAL A 378 1.37 5.70 5.15
CA VAL A 378 2.45 5.09 5.88
C VAL A 378 2.29 5.17 7.40
N LYS A 379 1.74 6.27 7.90
N LYS A 379 1.75 6.28 7.89
CA LYS A 379 1.60 6.46 9.34
CA LYS A 379 1.59 6.47 9.34
C LYS A 379 0.49 5.63 9.97
C LYS A 379 0.50 5.61 9.97
N ILE A 380 -0.47 5.15 9.18
CA ILE A 380 -1.43 4.17 9.70
C ILE A 380 -0.66 2.90 10.04
N LEU A 381 0.19 2.47 9.11
CA LEU A 381 1.01 1.28 9.32
C LEU A 381 2.00 1.44 10.48
N GLU A 382 2.62 2.60 10.60
CA GLU A 382 3.50 2.89 11.74
C GLU A 382 2.75 2.66 13.05
N ALA A 383 1.51 3.14 13.12
CA ALA A 383 0.70 3.01 14.32
C ALA A 383 0.38 1.55 14.62
N ILE A 384 0.04 0.78 13.60
CA ILE A 384 -0.24 -0.65 13.80
C ILE A 384 1.03 -1.38 14.25
N PHE A 385 2.12 -1.15 13.52
CA PHE A 385 3.39 -1.83 13.82
C PHE A 385 3.99 -1.47 15.19
N ASN A 386 3.68 -0.26 15.67
N ASN A 386 3.68 -0.27 15.68
CA ASN A 386 4.10 0.18 17.00
CA ASN A 386 4.12 0.16 17.00
C ASN A 386 3.53 -0.68 18.13
C ASN A 386 3.55 -0.70 18.12
N THR A 387 2.43 -1.38 17.86
CA THR A 387 1.80 -2.25 18.85
C THR A 387 2.40 -3.65 18.93
N LEU A 388 3.24 -4.04 17.97
CA LEU A 388 3.78 -5.40 17.96
C LEU A 388 4.80 -5.63 19.06
N GLU A 389 4.82 -6.86 19.58
CA GLU A 389 5.73 -7.28 20.63
C GLU A 389 6.55 -8.46 20.13
N PHE A 390 7.86 -8.41 20.33
CA PHE A 390 8.75 -9.52 20.03
C PHE A 390 9.58 -9.93 21.25
N VAL A 391 9.96 -11.21 21.29
CA VAL A 391 10.78 -11.76 22.38
C VAL A 391 12.27 -11.53 22.13
N ASN A 392 13.00 -11.29 23.21
CA ASN A 392 14.46 -11.11 23.15
C ASN A 392 15.19 -12.40 22.77
C2 TJU B 8 -6.21 0.25 -1.79
C4 TJU B 8 -6.29 -2.07 -1.89
C5 TJU B 8 -6.75 -3.25 -4.07
C6 TJU B 8 -7.30 -0.86 -3.73
O2 TJU B 8 -6.05 1.27 -1.14
N3 TJU B 8 -6.12 -0.98 -1.17
N4 TJU B 8 -6.13 -3.26 -1.25
N5 TJU B 8 -6.81 -2.10 -3.16
N1 TJU B 8 -6.53 0.27 -3.18
C1' TJU B 8 -6.70 1.59 -3.80
O4' TJU B 8 -8.00 2.02 -3.37
C2' TJU B 8 -6.69 1.60 -5.32
C3' TJU B 8 -8.13 1.87 -5.69
O3' TJU B 8 -8.22 2.78 -6.82
C4' TJU B 8 -8.62 2.67 -4.48
C5' TJU B 8 -10.09 2.52 -4.27
O5' TJU B 8 -10.42 3.43 -3.20
P TJU B 8 -11.86 3.25 -2.39
OP2 TJU B 8 -12.35 1.88 -2.54
OP1 TJU B 8 -11.64 3.82 -1.04
N1 5CM C 7 -17.22 8.68 -16.87
C2 5CM C 7 -16.47 7.77 -16.08
N3 5CM C 7 -15.45 8.20 -15.31
C4 5CM C 7 -15.13 9.51 -15.24
C5 5CM C 7 -15.90 10.49 -16.08
C5A 5CM C 7 -15.60 11.97 -16.07
C6 5CM C 7 -16.93 9.99 -16.86
O2 5CM C 7 -16.73 6.56 -16.12
N4 5CM C 7 -14.11 9.90 -14.44
C1' 5CM C 7 -18.31 8.14 -17.70
C2' 5CM C 7 -19.67 8.76 -17.36
C3' 5CM C 7 -20.43 8.68 -18.68
C4' 5CM C 7 -19.39 8.25 -19.71
O4' 5CM C 7 -18.11 8.37 -19.08
O3' 5CM C 7 -21.46 7.70 -18.64
C5' 5CM C 7 -19.45 9.11 -20.95
O5' 5CM C 7 -19.28 10.48 -20.58
P 5CM C 7 -18.91 11.52 -21.74
OP1 5CM C 7 -19.86 11.25 -22.86
OP2 5CM C 7 -18.78 12.90 -21.14
N SAM D . 0.15 -1.91 -0.45
CA SAM D . 1.00 -1.86 -1.64
C SAM D . 1.93 -0.68 -1.47
O SAM D . 2.48 -0.51 -0.37
OXT SAM D . 2.13 0.11 -2.42
CB SAM D . 0.16 -1.88 -2.93
CG SAM D . -0.98 -2.90 -2.88
SD SAM D . -1.80 -3.07 -4.33
CE SAM D . -3.35 -2.46 -4.13
C5' SAM D . -1.91 -4.66 -4.78
C4' SAM D . -0.71 -5.10 -5.63
O4' SAM D . -0.77 -6.51 -5.88
C3' SAM D . -0.67 -4.42 -7.00
O3' SAM D . 0.46 -3.53 -7.09
C2' SAM D . -0.60 -5.57 -8.01
O2' SAM D . 0.38 -5.34 -8.99
C1' SAM D . -0.22 -6.77 -7.16
N9 SAM D . -0.66 -8.08 -7.72
C8 SAM D . -1.85 -8.43 -8.28
N7 SAM D . -1.80 -9.75 -8.67
C5 SAM D . -0.58 -10.23 -8.37
C6 SAM D . 0.13 -11.52 -8.48
N6 SAM D . -0.44 -12.62 -9.04
N1 SAM D . 1.40 -11.58 -8.02
C2 SAM D . 2.01 -10.50 -7.47
N3 SAM D . 1.42 -9.31 -7.34
C4 SAM D . 0.16 -9.12 -7.75
C CO3 E . -15.24 6.53 -8.11
O1 CO3 E . -14.14 6.88 -7.67
O2 CO3 E . -15.37 5.42 -8.61
O3 CO3 E . -16.20 7.29 -8.02
C1 GOL F . -3.36 14.89 -13.75
O1 GOL F . -2.59 14.05 -12.88
C2 GOL F . -3.47 14.33 -15.18
O2 GOL F . -3.81 12.93 -15.21
C3 GOL F . -4.54 15.10 -15.93
O3 GOL F . -4.29 14.98 -17.34
C1 GOL G . -16.37 29.97 -4.07
O1 GOL G . -17.76 29.81 -4.36
C2 GOL G . -15.54 29.78 -5.33
O2 GOL G . -14.16 29.63 -4.98
C3 GOL G . -15.72 30.99 -6.26
O3 GOL G . -15.42 30.64 -7.61
C1 GOL H . 8.54 7.62 -18.45
O1 GOL H . 7.68 6.78 -19.22
C2 GOL H . 8.52 9.04 -19.03
O2 GOL H . 7.21 9.60 -18.87
C3 GOL H . 9.55 9.95 -18.34
O3 GOL H . 9.92 9.45 -17.06
C1 GOL I . 18.03 -17.07 -13.58
O1 GOL I . 16.77 -17.38 -14.19
C2 GOL I . 19.16 -17.38 -14.56
O2 GOL I . 19.18 -16.36 -15.58
C3 GOL I . 20.50 -17.40 -13.82
O3 GOL I . 21.31 -18.46 -14.33
C1 GOL J . -21.93 17.34 -8.84
O1 GOL J . -21.99 16.24 -9.74
C2 GOL J . -23.08 18.29 -9.11
O2 GOL J . -24.29 17.57 -9.30
C3 GOL J . -22.75 19.11 -10.35
O3 GOL J . -23.90 19.86 -10.72
C1 GOL K . -17.38 15.76 -2.38
O1 GOL K . -16.96 16.28 -1.12
C2 GOL K . -18.59 14.86 -2.19
O2 GOL K . -18.92 14.23 -3.43
C3 GOL K . -18.32 13.81 -1.12
O3 GOL K . -18.00 14.43 0.13
C1 GOL L . -14.09 17.74 -18.11
O1 GOL L . -14.18 18.76 -19.11
C2 GOL L . -12.63 17.34 -17.90
O2 GOL L . -12.10 16.77 -19.11
C3 GOL L . -12.52 16.33 -16.76
O3 GOL L . -13.14 15.09 -17.13
#